data_3CI8
#
_entry.id   3CI8
#
_cell.length_a   63.440
_cell.length_b   50.460
_cell.length_c   65.840
_cell.angle_alpha   90.00
_cell.angle_beta   108.02
_cell.angle_gamma   90.00
#
_symmetry.space_group_name_H-M   'P 1 21 1'
#
loop_
_entity.id
_entity.type
_entity.pdbx_description
1 polymer Lactotransferrin
2 branched 2-acetamido-2-deoxy-beta-D-glucopyranose-(1-4)-2-acetamido-2-deoxy-beta-D-glucopyranose
3 non-polymer 2-acetamido-2-deoxy-beta-D-glucopyranose
4 non-polymer 'FE (III) ION'
5 non-polymer 'CARBONATE ION'
6 non-polymer 'ZINC ION'
7 non-polymer 'SULFATE ION'
8 non-polymer 'NICOTINIC ACID'
9 water water
#
_entity_poly.entity_id   1
_entity_poly.type   'polypeptide(L)'
_entity_poly.pdbx_seq_one_letter_code
;YTRVVWCAVGPEEQKKCQQWSQQSGQNVTCATASTTDDCIVLVLKGEADALNLDGGYIYTAGKCGLVPVLAENRKSSKHS
SLDCVLRPTEGYLAVAVVKKANEGLTWNSLKDKKSCHTAVDRTAGWNIPMGLIVNQTGSCAFDEFFSQSCAPGADPKSRL
CALCAGDDQGLDKCVPNSKEKYYGYTGAFRCLAEDVGDVAFVKNDTVWENTNGESTADWAKNLKREDFRLLCLDGTRKPV
TEAQSCHLAVAPNHAVVSRSDRAAHVEQVLLHQQALFGKNGKNCPDKFCLFKSETKNLLFNDNTECLAKLGGRPTYEEYL
GTEYVTAIANLKKCSTSPLLEACAF
;
_entity_poly.pdbx_strand_id   A
#
loop_
_chem_comp.id
_chem_comp.type
_chem_comp.name
_chem_comp.formula
CO3 non-polymer 'CARBONATE ION' 'C O3 -2'
FE non-polymer 'FE (III) ION' 'Fe 3'
NAG D-saccharide, beta linking 2-acetamido-2-deoxy-beta-D-glucopyranose 'C8 H15 N O6'
NIO non-polymer 'NICOTINIC ACID' 'C6 H5 N O2'
SO4 non-polymer 'SULFATE ION' 'O4 S -2'
ZN non-polymer 'ZINC ION' 'Zn 2'
#
# COMPACT_ATOMS: atom_id res chain seq x y z
N TYR A 1 -26.04 10.60 -8.66
CA TYR A 1 -26.53 11.44 -7.51
C TYR A 1 -26.11 10.79 -6.19
N THR A 2 -26.77 9.71 -5.80
CA THR A 2 -26.36 8.94 -4.62
C THR A 2 -25.51 7.79 -5.19
N ARG A 3 -25.00 8.04 -6.40
CA ARG A 3 -24.15 7.12 -7.14
C ARG A 3 -22.70 7.60 -7.00
N VAL A 4 -21.79 6.68 -6.70
CA VAL A 4 -20.38 7.00 -6.53
C VAL A 4 -19.56 6.37 -7.65
N VAL A 5 -18.62 7.15 -8.17
CA VAL A 5 -17.72 6.67 -9.22
C VAL A 5 -16.40 6.33 -8.51
N TRP A 6 -16.02 5.07 -8.57
CA TRP A 6 -14.78 4.65 -7.94
C TRP A 6 -13.67 4.66 -8.99
N CYS A 7 -12.45 5.02 -8.61
CA CYS A 7 -11.36 5.00 -9.56
C CYS A 7 -10.50 3.76 -9.36
N ALA A 8 -10.46 2.91 -10.39
CA ALA A 8 -9.63 1.72 -10.39
C ALA A 8 -8.30 1.99 -11.05
N VAL A 9 -7.23 1.43 -10.48
CA VAL A 9 -5.89 1.60 -10.99
C VAL A 9 -5.46 0.35 -11.76
N GLY A 10 -5.41 0.44 -13.09
CA GLY A 10 -5.02 -0.70 -13.90
C GLY A 10 -6.16 -1.68 -14.17
N PRO A 11 -5.94 -2.66 -15.05
CA PRO A 11 -6.87 -3.72 -15.53
C PRO A 11 -7.53 -4.66 -14.54
N GLU A 12 -6.82 -5.08 -13.51
CA GLU A 12 -7.41 -6.04 -12.57
C GLU A 12 -8.35 -5.36 -11.57
N GLU A 13 -8.05 -4.12 -11.23
CA GLU A 13 -8.91 -3.39 -10.30
C GLU A 13 -10.16 -2.95 -11.05
N GLN A 14 -10.01 -2.74 -12.35
CA GLN A 14 -11.17 -2.41 -13.20
C GLN A 14 -12.12 -3.58 -13.21
N LYS A 15 -11.59 -4.76 -13.43
CA LYS A 15 -12.41 -5.97 -13.42
C LYS A 15 -13.11 -6.14 -12.06
N LYS A 16 -12.38 -6.05 -10.95
CA LYS A 16 -13.06 -6.15 -9.67
C LYS A 16 -14.11 -5.06 -9.48
N CYS A 17 -13.78 -3.84 -9.87
CA CYS A 17 -14.72 -2.74 -9.76
C CYS A 17 -16.00 -3.00 -10.57
N GLN A 18 -15.85 -3.51 -11.79
CA GLN A 18 -17.02 -3.81 -12.62
C GLN A 18 -18.00 -4.78 -11.95
N GLN A 19 -17.46 -5.80 -11.28
CA GLN A 19 -18.24 -6.79 -10.55
C GLN A 19 -19.00 -6.16 -9.39
N TRP A 20 -18.30 -5.31 -8.63
CA TRP A 20 -18.87 -4.54 -7.54
C TRP A 20 -19.94 -3.59 -8.05
N SER A 21 -19.67 -2.98 -9.19
CA SER A 21 -20.61 -2.06 -9.82
C SER A 21 -21.92 -2.77 -10.11
N GLN A 22 -21.78 -3.96 -10.69
CA GLN A 22 -22.89 -4.85 -11.04
C GLN A 22 -23.71 -5.29 -9.81
N GLN A 23 -23.03 -5.83 -8.80
CA GLN A 23 -23.71 -6.25 -7.58
C GLN A 23 -24.44 -5.12 -6.84
N SER A 24 -23.95 -3.89 -6.99
CA SER A 24 -24.54 -2.75 -6.31
C SER A 24 -25.70 -2.10 -7.07
N GLY A 25 -26.02 -2.65 -8.23
CA GLY A 25 -27.11 -2.10 -9.01
C GLY A 25 -26.79 -0.69 -9.46
N GLN A 26 -25.51 -0.50 -9.80
CA GLN A 26 -24.98 0.78 -10.29
C GLN A 26 -25.03 1.92 -9.27
N ASN A 27 -25.03 1.57 -7.99
CA ASN A 27 -24.95 2.58 -6.94
C ASN A 27 -23.47 3.00 -6.93
N VAL A 28 -22.62 2.13 -7.47
CA VAL A 28 -21.22 2.41 -7.63
C VAL A 28 -20.85 2.12 -9.08
N THR A 29 -20.20 3.06 -9.74
CA THR A 29 -19.72 2.82 -11.09
C THR A 29 -18.22 3.02 -11.08
N CYS A 30 -17.58 2.72 -12.20
CA CYS A 30 -16.13 2.73 -12.27
C CYS A 30 -15.46 3.60 -13.30
N ALA A 31 -14.31 4.15 -12.91
CA ALA A 31 -13.45 4.91 -13.81
C ALA A 31 -12.13 4.19 -13.67
N THR A 32 -11.35 4.13 -14.74
CA THR A 32 -10.07 3.44 -14.69
C THR A 32 -8.93 4.35 -15.17
N ALA A 33 -7.75 4.18 -14.56
CA ALA A 33 -6.56 4.93 -14.93
C ALA A 33 -5.36 4.00 -14.79
N SER A 34 -4.24 4.35 -15.41
CA SER A 34 -3.03 3.54 -15.38
C SER A 34 -2.21 3.70 -14.11
N THR A 35 -2.30 4.86 -13.46
CA THR A 35 -1.56 5.11 -12.24
C THR A 35 -2.46 5.72 -11.19
N THR A 36 -1.99 5.70 -9.94
CA THR A 36 -2.73 6.26 -8.81
C THR A 36 -2.82 7.77 -8.97
N ASP A 37 -1.74 8.37 -9.46
CA ASP A 37 -1.66 9.80 -9.74
C ASP A 37 -2.71 10.27 -10.74
N ASP A 38 -2.98 9.44 -11.75
CA ASP A 38 -3.97 9.75 -12.75
C ASP A 38 -5.37 9.66 -12.15
N CYS A 39 -5.55 8.70 -11.24
CA CYS A 39 -6.83 8.55 -10.55
C CYS A 39 -7.08 9.76 -9.65
N ILE A 40 -6.02 10.26 -9.03
CA ILE A 40 -6.12 11.45 -8.17
C ILE A 40 -6.56 12.62 -9.03
N VAL A 41 -6.03 12.68 -10.24
CA VAL A 41 -6.40 13.74 -11.20
C VAL A 41 -7.88 13.65 -11.62
N LEU A 42 -8.39 12.43 -11.82
CA LEU A 42 -9.79 12.27 -12.20
C LEU A 42 -10.71 12.76 -11.07
N VAL A 43 -10.32 12.51 -9.82
CA VAL A 43 -11.13 12.98 -8.68
C VAL A 43 -11.14 14.52 -8.60
N LEU A 44 -10.00 15.15 -8.88
CA LEU A 44 -9.90 16.61 -8.88
C LEU A 44 -10.74 17.22 -10.00
N LYS A 45 -10.80 16.54 -11.13
CA LYS A 45 -11.59 17.02 -12.26
C LYS A 45 -13.08 16.79 -11.98
N GLY A 46 -13.35 15.84 -11.08
CA GLY A 46 -14.72 15.51 -10.75
C GLY A 46 -15.26 14.44 -11.66
N GLU A 47 -14.37 13.78 -12.41
CA GLU A 47 -14.78 12.72 -13.32
C GLU A 47 -14.85 11.35 -12.53
N ALA A 48 -14.32 11.32 -11.29
CA ALA A 48 -14.42 10.16 -10.37
C ALA A 48 -14.62 10.73 -8.95
N ASP A 49 -15.14 9.92 -8.01
CA ASP A 49 -15.36 10.42 -6.65
C ASP A 49 -14.34 10.00 -5.59
N ALA A 50 -13.94 8.74 -5.61
CA ALA A 50 -13.05 8.23 -4.57
C ALA A 50 -12.19 7.03 -4.97
N LEU A 51 -11.23 6.73 -4.11
CA LEU A 51 -10.35 5.57 -4.20
C LEU A 51 -9.65 5.45 -2.85
N ASN A 52 -9.17 4.24 -2.55
CA ASN A 52 -8.48 3.94 -1.31
C ASN A 52 -7.00 4.12 -1.61
N LEU A 53 -6.29 4.81 -0.72
CA LEU A 53 -4.87 5.14 -0.91
C LEU A 53 -3.93 4.81 0.26
N ASP A 54 -2.66 4.60 -0.07
CA ASP A 54 -1.63 4.38 0.93
C ASP A 54 -1.23 5.79 1.41
N GLY A 55 -0.71 5.90 2.64
CA GLY A 55 -0.31 7.18 3.19
C GLY A 55 0.44 8.16 2.31
N GLY A 56 1.42 7.65 1.57
CA GLY A 56 2.22 8.48 0.69
C GLY A 56 1.41 9.21 -0.39
N TYR A 57 0.36 8.57 -0.91
CA TYR A 57 -0.47 9.23 -1.90
C TYR A 57 -1.49 10.12 -1.19
N ILE A 58 -1.79 9.81 0.07
CA ILE A 58 -2.74 10.65 0.82
C ILE A 58 -2.11 12.02 0.98
N TYR A 59 -0.78 12.03 1.07
CA TYR A 59 -0.03 13.28 1.20
C TYR A 59 -0.08 14.11 -0.09
N THR A 60 0.03 13.41 -1.22
CA THR A 60 -0.05 14.03 -2.54
C THR A 60 -1.46 14.59 -2.76
N ALA A 61 -2.45 13.74 -2.49
CA ALA A 61 -3.84 14.12 -2.66
C ALA A 61 -4.24 15.28 -1.77
N GLY A 62 -3.75 15.27 -0.53
CA GLY A 62 -4.09 16.31 0.43
C GLY A 62 -3.61 17.70 0.06
N LYS A 63 -2.46 17.77 -0.58
CA LYS A 63 -1.90 19.03 -1.06
C LYS A 63 -2.81 19.62 -2.13
N CYS A 64 -3.61 18.77 -2.76
CA CYS A 64 -4.53 19.20 -3.80
C CYS A 64 -5.95 19.36 -3.28
N GLY A 65 -6.11 19.26 -1.95
CA GLY A 65 -7.42 19.44 -1.36
C GLY A 65 -8.30 18.22 -1.18
N LEU A 66 -7.80 17.02 -1.47
CA LEU A 66 -8.61 15.82 -1.24
C LEU A 66 -8.52 15.49 0.25
N VAL A 67 -9.57 14.90 0.81
CA VAL A 67 -9.61 14.59 2.23
C VAL A 67 -9.83 13.13 2.58
N PRO A 68 -9.33 12.71 3.74
CA PRO A 68 -9.54 11.33 4.21
C PRO A 68 -11.02 11.22 4.62
N VAL A 69 -11.68 10.15 4.20
CA VAL A 69 -13.08 9.93 4.47
C VAL A 69 -13.35 8.77 5.44
N LEU A 70 -12.71 7.63 5.18
CA LEU A 70 -12.83 6.43 6.02
C LEU A 70 -11.53 5.66 5.86
N ALA A 71 -11.07 5.01 6.93
CA ALA A 71 -9.82 4.28 6.89
C ALA A 71 -9.94 2.77 7.02
N GLU A 72 -9.00 2.06 6.39
CA GLU A 72 -8.97 0.61 6.49
C GLU A 72 -8.72 0.26 7.94
N ASN A 73 -9.41 -0.77 8.42
CA ASN A 73 -9.25 -1.24 9.78
C ASN A 73 -9.14 -2.75 9.74
N ARG A 74 -8.00 -3.29 10.17
CA ARG A 74 -7.82 -4.74 10.19
C ARG A 74 -8.14 -5.23 11.60
N LYS A 75 -8.05 -6.54 11.84
CA LYS A 75 -8.38 -7.04 13.17
C LYS A 75 -7.37 -6.69 14.28
N SER A 76 -7.90 -6.48 15.49
CA SER A 76 -7.09 -6.14 16.66
C SER A 76 -7.54 -6.92 17.88
N SER A 77 -6.65 -7.09 18.85
CA SER A 77 -7.00 -7.79 20.09
C SER A 77 -7.37 -6.79 21.20
N LYS A 78 -7.13 -5.51 20.92
CA LYS A 78 -7.49 -4.41 21.83
C LYS A 78 -8.65 -3.65 21.17
N HIS A 79 -9.44 -2.92 21.96
CA HIS A 79 -10.64 -2.20 21.51
C HIS A 79 -11.65 -3.19 20.86
N SER A 80 -11.37 -4.48 20.99
CA SER A 80 -12.22 -5.55 20.44
C SER A 80 -13.67 -5.45 20.91
N SER A 81 -13.85 -4.88 22.09
CA SER A 81 -15.16 -4.61 22.65
C SER A 81 -15.95 -3.75 21.65
N LEU A 82 -15.30 -2.69 21.18
CA LEU A 82 -15.85 -1.73 20.22
C LEU A 82 -16.12 -2.31 18.82
N ASP A 83 -17.17 -1.84 18.17
CA ASP A 83 -17.48 -2.29 16.82
C ASP A 83 -16.39 -1.82 15.88
N CYS A 84 -16.11 -2.59 14.83
CA CYS A 84 -15.04 -2.25 13.89
C CYS A 84 -15.09 -0.81 13.32
N VAL A 85 -16.27 -0.42 12.84
CA VAL A 85 -16.47 0.91 12.25
C VAL A 85 -16.16 2.08 13.19
N LEU A 86 -16.20 1.84 14.50
CA LEU A 86 -15.95 2.88 15.50
C LEU A 86 -14.60 2.73 16.23
N ARG A 87 -13.95 1.58 16.03
CA ARG A 87 -12.66 1.28 16.65
C ARG A 87 -11.53 2.11 16.02
N PRO A 88 -10.66 2.72 16.85
CA PRO A 88 -9.57 3.51 16.24
C PRO A 88 -8.65 2.64 15.39
N THR A 89 -7.96 3.24 14.42
CA THR A 89 -7.04 2.48 13.59
C THR A 89 -5.72 2.33 14.34
N GLU A 90 -4.98 1.27 14.04
CA GLU A 90 -3.74 1.04 14.77
C GLU A 90 -2.48 1.36 14.00
N GLY A 91 -2.56 1.28 12.68
CA GLY A 91 -1.41 1.58 11.86
C GLY A 91 -0.72 0.26 11.58
N TYR A 92 0.12 0.22 10.56
CA TYR A 92 0.79 -1.03 10.28
C TYR A 92 2.30 -0.89 10.42
N LEU A 93 3.00 -2.01 10.54
CA LEU A 93 4.43 -1.95 10.73
C LEU A 93 5.23 -2.03 9.43
N ALA A 94 5.99 -0.98 9.14
CA ALA A 94 6.86 -0.95 7.97
C ALA A 94 8.13 -1.72 8.35
N VAL A 95 8.42 -2.82 7.66
CA VAL A 95 9.59 -3.66 7.94
C VAL A 95 10.52 -3.87 6.72
N ALA A 96 11.75 -4.30 6.98
CA ALA A 96 12.71 -4.65 5.95
C ALA A 96 12.92 -6.14 6.13
N VAL A 97 12.73 -6.89 5.06
CA VAL A 97 12.80 -8.34 5.09
C VAL A 97 13.87 -8.93 4.17
N VAL A 98 14.61 -9.92 4.68
CA VAL A 98 15.63 -10.62 3.92
C VAL A 98 15.44 -12.13 4.08
N LYS A 99 16.20 -12.89 3.32
CA LYS A 99 16.18 -14.34 3.40
C LYS A 99 17.22 -14.66 4.46
N LYS A 100 16.90 -15.61 5.32
CA LYS A 100 17.82 -16.01 6.38
C LYS A 100 19.15 -16.53 5.83
N ALA A 101 19.09 -17.29 4.75
CA ALA A 101 20.27 -17.87 4.12
C ALA A 101 21.25 -16.82 3.58
N ASN A 102 20.78 -15.59 3.50
CA ASN A 102 21.60 -14.45 3.06
C ASN A 102 22.21 -13.93 4.36
N GLU A 103 23.12 -14.72 4.92
CA GLU A 103 23.72 -14.42 6.21
C GLU A 103 24.57 -13.15 6.22
N GLY A 104 24.66 -12.51 7.38
CA GLY A 104 25.46 -11.30 7.47
C GLY A 104 24.96 -10.08 6.71
N LEU A 105 23.74 -10.13 6.18
CA LEU A 105 23.14 -8.95 5.55
C LEU A 105 22.36 -8.28 6.67
N THR A 106 22.69 -7.01 6.95
CA THR A 106 22.03 -6.25 8.01
C THR A 106 21.69 -4.86 7.47
N TRP A 107 21.06 -4.00 8.28
CA TRP A 107 20.70 -2.66 7.84
C TRP A 107 21.93 -1.88 7.40
N ASN A 108 23.03 -2.12 8.09
CA ASN A 108 24.30 -1.44 7.82
C ASN A 108 25.07 -1.94 6.60
N SER A 109 24.65 -3.03 6.00
CA SER A 109 25.37 -3.53 4.83
C SER A 109 24.48 -3.55 3.59
N LEU A 110 23.46 -2.71 3.58
CA LEU A 110 22.56 -2.62 2.43
C LEU A 110 23.12 -1.92 1.19
N LYS A 111 24.17 -1.12 1.33
CA LYS A 111 24.72 -0.43 0.16
C LYS A 111 25.13 -1.41 -0.95
N ASP A 112 24.74 -1.08 -2.18
CA ASP A 112 25.03 -1.91 -3.36
C ASP A 112 24.33 -3.27 -3.38
N LYS A 113 23.25 -3.42 -2.62
CA LYS A 113 22.51 -4.67 -2.65
C LYS A 113 21.32 -4.46 -3.58
N LYS A 114 20.52 -5.50 -3.79
CA LYS A 114 19.33 -5.43 -4.65
C LYS A 114 18.08 -5.27 -3.79
N SER A 115 17.22 -4.34 -4.17
CA SER A 115 16.03 -4.04 -3.37
C SER A 115 14.71 -4.21 -4.11
N CYS A 116 13.64 -4.42 -3.33
CA CYS A 116 12.29 -4.60 -3.85
C CYS A 116 11.36 -3.69 -3.07
N HIS A 117 10.72 -2.76 -3.79
CA HIS A 117 9.83 -1.77 -3.18
C HIS A 117 8.42 -1.91 -3.75
N THR A 118 7.42 -1.57 -2.94
CA THR A 118 6.02 -1.66 -3.37
C THR A 118 5.76 -0.79 -4.62
N ALA A 119 6.23 0.45 -4.58
CA ALA A 119 6.10 1.43 -5.65
C ALA A 119 6.67 2.72 -5.10
N VAL A 120 7.23 3.55 -5.97
CA VAL A 120 7.76 4.85 -5.59
C VAL A 120 6.63 5.65 -4.94
N ASP A 121 6.95 6.44 -3.91
CA ASP A 121 5.98 7.29 -3.20
C ASP A 121 5.08 6.62 -2.17
N ARG A 122 5.23 5.31 -1.99
CA ARG A 122 4.43 4.59 -1.01
C ARG A 122 5.11 4.58 0.37
N THR A 123 4.33 4.40 1.43
CA THR A 123 4.86 4.48 2.79
C THR A 123 5.99 3.52 3.18
N ALA A 124 5.67 2.24 3.23
CA ALA A 124 6.60 1.19 3.63
C ALA A 124 7.58 0.86 2.52
N GLY A 125 7.08 0.88 1.29
CA GLY A 125 7.93 0.53 0.17
C GLY A 125 8.94 1.59 -0.26
N TRP A 126 8.68 2.85 0.07
CA TRP A 126 9.56 3.91 -0.41
C TRP A 126 9.90 5.03 0.57
N ASN A 127 8.87 5.74 1.01
CA ASN A 127 9.03 6.88 1.91
C ASN A 127 9.79 6.61 3.21
N ILE A 128 9.47 5.55 3.94
CA ILE A 128 10.16 5.27 5.19
C ILE A 128 11.58 4.80 4.95
N PRO A 129 11.78 3.75 4.12
CA PRO A 129 13.16 3.29 3.92
C PRO A 129 14.12 4.28 3.25
N MET A 130 13.66 5.00 2.22
CA MET A 130 14.52 5.95 1.50
C MET A 130 14.74 7.25 2.27
N GLY A 131 13.77 7.64 3.08
CA GLY A 131 13.92 8.82 3.90
C GLY A 131 14.94 8.49 4.97
N LEU A 132 14.92 7.24 5.43
CA LEU A 132 15.87 6.82 6.44
C LEU A 132 17.27 6.76 5.85
N ILE A 133 17.37 6.24 4.63
CA ILE A 133 18.65 6.10 3.94
C ILE A 133 19.27 7.45 3.53
N VAL A 134 18.43 8.40 3.10
CA VAL A 134 18.93 9.74 2.78
C VAL A 134 19.48 10.31 4.08
N ASN A 135 18.68 10.29 5.13
CA ASN A 135 19.17 10.83 6.37
C ASN A 135 20.50 10.27 6.78
N GLN A 136 20.60 8.95 6.85
CA GLN A 136 21.84 8.29 7.25
C GLN A 136 23.07 8.52 6.36
N THR A 137 22.88 8.74 5.06
CA THR A 137 24.03 8.94 4.17
C THR A 137 24.36 10.41 3.86
N GLY A 138 23.52 11.32 4.31
CA GLY A 138 23.72 12.74 4.03
C GLY A 138 23.81 13.01 2.55
N SER A 139 23.02 12.27 1.77
CA SER A 139 23.02 12.39 0.32
C SER A 139 21.63 12.13 -0.27
N CYS A 140 21.26 12.89 -1.30
CA CYS A 140 19.98 12.71 -1.97
C CYS A 140 20.09 11.73 -3.13
N ALA A 141 21.26 11.13 -3.30
CA ALA A 141 21.47 10.21 -4.41
C ALA A 141 20.95 8.79 -4.15
N PHE A 142 19.70 8.69 -3.68
CA PHE A 142 19.05 7.40 -3.40
C PHE A 142 18.92 6.51 -4.64
N ASP A 143 19.07 7.10 -5.82
CA ASP A 143 19.00 6.34 -7.08
C ASP A 143 20.29 5.58 -7.34
N GLU A 144 21.25 5.79 -6.44
CA GLU A 144 22.58 5.18 -6.52
C GLU A 144 22.95 4.30 -5.32
N PHE A 145 22.07 4.21 -4.33
CA PHE A 145 22.35 3.40 -3.13
C PHE A 145 22.35 1.89 -3.38
N PHE A 146 21.32 1.38 -4.05
CA PHE A 146 21.24 -0.03 -4.36
C PHE A 146 21.80 -0.28 -5.74
N SER A 147 22.44 -1.43 -5.94
CA SER A 147 22.98 -1.71 -7.26
C SER A 147 21.81 -1.75 -8.26
N GLN A 148 20.77 -2.49 -7.90
CA GLN A 148 19.57 -2.64 -8.73
C GLN A 148 18.32 -2.80 -7.88
N SER A 149 17.19 -2.41 -8.44
CA SER A 149 15.92 -2.46 -7.71
C SER A 149 14.71 -2.67 -8.61
N CYS A 150 13.58 -2.99 -7.99
CA CYS A 150 12.32 -2.96 -8.71
C CYS A 150 11.57 -1.97 -7.85
N ALA A 151 11.39 -0.75 -8.37
CA ALA A 151 10.66 0.31 -7.68
C ALA A 151 9.68 0.88 -8.68
N PRO A 152 8.49 0.27 -8.80
CA PRO A 152 7.46 0.73 -9.74
C PRO A 152 7.18 2.22 -9.71
N GLY A 153 7.22 2.83 -10.90
CA GLY A 153 6.96 4.25 -11.00
C GLY A 153 8.22 5.07 -11.25
N ALA A 154 9.38 4.43 -11.25
CA ALA A 154 10.64 5.14 -11.53
C ALA A 154 10.87 5.01 -13.04
N ASP A 155 11.93 5.62 -13.57
CA ASP A 155 12.22 5.56 -15.01
C ASP A 155 12.57 4.12 -15.43
N PRO A 156 11.80 3.54 -16.38
CA PRO A 156 12.04 2.17 -16.85
C PRO A 156 13.48 1.87 -17.26
N LYS A 157 14.19 2.88 -17.75
CA LYS A 157 15.59 2.74 -18.21
C LYS A 157 16.58 2.82 -17.04
N SER A 158 16.12 3.28 -15.88
CA SER A 158 17.00 3.44 -14.71
C SER A 158 17.20 2.15 -13.92
N ARG A 159 18.24 2.13 -13.09
CA ARG A 159 18.52 0.94 -12.29
C ARG A 159 17.47 0.65 -11.20
N LEU A 160 16.60 1.62 -10.94
CA LEU A 160 15.51 1.42 -9.98
C LEU A 160 14.37 0.60 -10.61
N CYS A 161 14.47 0.33 -11.90
CA CYS A 161 13.46 -0.49 -12.59
C CYS A 161 14.06 -1.77 -13.14
N ALA A 162 15.39 -1.87 -13.07
CA ALA A 162 16.12 -3.01 -13.63
C ALA A 162 15.66 -4.39 -13.16
N LEU A 163 15.11 -4.48 -11.95
CA LEU A 163 14.68 -5.76 -11.40
C LEU A 163 13.19 -6.06 -11.66
N CYS A 164 12.45 -5.06 -12.17
CA CYS A 164 11.01 -5.23 -12.47
C CYS A 164 10.82 -6.10 -13.72
N ALA A 165 9.74 -6.90 -13.73
CA ALA A 165 9.52 -7.86 -14.81
C ALA A 165 8.41 -7.59 -15.82
N GLY A 166 7.50 -6.67 -15.53
CA GLY A 166 6.42 -6.41 -16.45
C GLY A 166 5.35 -7.47 -16.27
N ASP A 167 4.48 -7.61 -17.28
CA ASP A 167 3.38 -8.57 -17.23
C ASP A 167 3.72 -9.94 -17.89
N ASP A 168 2.72 -10.80 -18.09
CA ASP A 168 2.89 -12.13 -18.70
C ASP A 168 3.74 -12.10 -19.96
N GLN A 169 3.66 -10.96 -20.67
CA GLN A 169 4.35 -10.75 -21.94
C GLN A 169 5.59 -9.88 -21.95
N GLY A 170 5.96 -9.35 -20.80
CA GLY A 170 7.13 -8.49 -20.75
C GLY A 170 6.79 -7.02 -20.96
N LEU A 171 5.51 -6.71 -21.16
CA LEU A 171 5.10 -5.34 -21.35
C LEU A 171 4.78 -4.69 -20.01
N ASP A 172 4.74 -3.35 -19.99
CA ASP A 172 4.43 -2.58 -18.79
C ASP A 172 5.46 -2.70 -17.66
N LYS A 173 6.72 -2.90 -18.04
CA LYS A 173 7.78 -3.02 -17.06
C LYS A 173 7.87 -1.77 -16.19
N CYS A 174 7.81 -1.99 -14.87
CA CYS A 174 7.90 -0.91 -13.87
C CYS A 174 6.66 0.00 -13.75
N VAL A 175 5.53 -0.34 -14.36
CA VAL A 175 4.34 0.50 -14.19
C VAL A 175 3.87 0.37 -12.75
N PRO A 176 3.41 1.47 -12.16
CA PRO A 176 2.95 1.37 -10.77
C PRO A 176 1.49 0.92 -10.67
N ASN A 177 1.23 -0.30 -11.16
CA ASN A 177 -0.07 -0.95 -11.06
C ASN A 177 0.16 -2.47 -11.07
N SER A 178 -0.87 -3.23 -10.74
CA SER A 178 -0.72 -4.67 -10.62
C SER A 178 -0.37 -5.47 -11.87
N LYS A 179 -0.20 -4.79 -13.01
CA LYS A 179 0.24 -5.47 -14.23
C LYS A 179 1.71 -5.81 -14.08
N GLU A 180 2.44 -4.99 -13.33
CA GLU A 180 3.84 -5.22 -13.03
C GLU A 180 3.87 -6.35 -12.00
N LYS A 181 4.58 -7.41 -12.35
CA LYS A 181 4.70 -8.60 -11.51
C LYS A 181 5.14 -8.34 -10.05
N TYR A 182 6.09 -7.43 -9.86
CA TYR A 182 6.60 -7.14 -8.52
C TYR A 182 6.07 -5.84 -7.88
N TYR A 183 4.86 -5.46 -8.24
CA TYR A 183 4.20 -4.27 -7.72
C TYR A 183 3.48 -4.53 -6.40
N GLY A 184 3.42 -3.52 -5.55
CA GLY A 184 2.68 -3.62 -4.30
C GLY A 184 3.34 -4.47 -3.23
N TYR A 185 2.60 -4.68 -2.13
CA TYR A 185 3.09 -5.44 -1.00
C TYR A 185 3.46 -6.87 -1.41
N THR A 186 2.53 -7.53 -2.10
CA THR A 186 2.72 -8.91 -2.53
C THR A 186 3.82 -9.06 -3.60
N GLY A 187 3.84 -8.14 -4.58
CA GLY A 187 4.85 -8.19 -5.62
C GLY A 187 6.25 -7.97 -5.12
N ALA A 188 6.40 -7.06 -4.18
CA ALA A 188 7.71 -6.76 -3.58
C ALA A 188 8.22 -7.94 -2.75
N PHE A 189 7.31 -8.63 -2.08
CA PHE A 189 7.71 -9.77 -1.28
C PHE A 189 8.06 -10.95 -2.22
N ARG A 190 7.36 -11.04 -3.35
CA ARG A 190 7.62 -12.07 -4.34
C ARG A 190 9.00 -11.88 -4.97
N CYS A 191 9.36 -10.61 -5.14
CA CYS A 191 10.66 -10.22 -5.69
C CYS A 191 11.76 -10.77 -4.80
N LEU A 192 11.52 -10.76 -3.49
CA LEU A 192 12.51 -11.29 -2.56
C LEU A 192 12.36 -12.82 -2.48
N ALA A 193 11.14 -13.32 -2.36
CA ALA A 193 10.94 -14.76 -2.28
C ALA A 193 11.58 -15.49 -3.48
N GLU A 194 11.69 -14.82 -4.62
CA GLU A 194 12.27 -15.42 -5.82
C GLU A 194 13.76 -15.11 -5.99
N ASP A 195 14.31 -14.36 -5.03
CA ASP A 195 15.73 -14.01 -5.03
C ASP A 195 16.17 -13.07 -6.14
N VAL A 196 15.24 -12.23 -6.57
CA VAL A 196 15.51 -11.21 -7.56
C VAL A 196 16.21 -10.09 -6.80
N GLY A 197 15.71 -9.80 -5.61
CA GLY A 197 16.33 -8.80 -4.77
C GLY A 197 16.82 -9.41 -3.48
N ASP A 198 17.63 -8.63 -2.75
CA ASP A 198 18.20 -9.06 -1.46
C ASP A 198 17.30 -8.61 -0.32
N VAL A 199 16.52 -7.58 -0.56
CA VAL A 199 15.66 -7.04 0.48
C VAL A 199 14.34 -6.50 -0.10
N ALA A 200 13.28 -6.56 0.71
CA ALA A 200 11.97 -6.08 0.33
C ALA A 200 11.43 -5.23 1.45
N PHE A 201 10.87 -4.08 1.08
CA PHE A 201 10.28 -3.16 2.05
C PHE A 201 8.78 -3.24 1.87
N VAL A 202 8.18 -3.95 2.83
CA VAL A 202 6.77 -4.23 2.85
C VAL A 202 6.30 -3.93 4.28
N LYS A 203 5.20 -4.54 4.68
CA LYS A 203 4.69 -4.35 6.03
C LYS A 203 4.68 -5.70 6.70
N ASN A 204 4.56 -5.71 8.02
CA ASN A 204 4.61 -6.99 8.70
C ASN A 204 3.58 -8.02 8.27
N ASP A 205 2.37 -7.58 7.96
CA ASP A 205 1.31 -8.46 7.56
C ASP A 205 1.61 -9.30 6.30
N THR A 206 2.31 -8.71 5.34
CA THR A 206 2.64 -9.37 4.07
C THR A 206 3.41 -10.68 4.22
N VAL A 207 4.39 -10.68 5.13
CA VAL A 207 5.19 -11.88 5.39
C VAL A 207 4.30 -13.03 5.90
N TRP A 208 3.51 -12.74 6.92
CA TRP A 208 2.61 -13.73 7.48
C TRP A 208 1.58 -14.25 6.49
N GLU A 209 1.09 -13.37 5.64
CA GLU A 209 0.08 -13.76 4.67
C GLU A 209 0.55 -14.57 3.48
N ASN A 210 1.86 -14.58 3.21
CA ASN A 210 2.38 -15.33 2.06
C ASN A 210 3.38 -16.42 2.41
N THR A 211 3.33 -16.87 3.65
CA THR A 211 4.19 -17.93 4.16
C THR A 211 3.35 -18.96 4.95
N ASN A 212 3.93 -20.15 5.13
CA ASN A 212 3.32 -21.26 5.88
C ASN A 212 1.95 -21.72 5.41
N GLY A 213 1.75 -21.74 4.10
CA GLY A 213 0.48 -22.19 3.54
C GLY A 213 -0.64 -21.16 3.49
N GLU A 214 -0.42 -19.96 3.99
CA GLU A 214 -1.47 -18.94 3.98
C GLU A 214 -1.86 -18.48 2.57
N SER A 215 -0.96 -18.61 1.60
CA SER A 215 -1.25 -18.14 0.25
C SER A 215 -1.80 -19.14 -0.78
N THR A 216 -1.12 -20.27 -0.97
CA THR A 216 -1.50 -21.28 -1.98
C THR A 216 -1.15 -20.84 -3.42
N ALA A 217 -0.68 -19.61 -3.57
CA ALA A 217 -0.23 -19.13 -4.88
C ALA A 217 1.08 -19.85 -5.13
N ASP A 218 1.28 -20.28 -6.36
CA ASP A 218 2.44 -21.07 -6.78
C ASP A 218 3.84 -20.65 -6.31
N TRP A 219 4.13 -19.35 -6.26
CA TRP A 219 5.44 -18.87 -5.79
C TRP A 219 5.51 -18.82 -4.26
N ALA A 220 4.36 -18.85 -3.59
CA ALA A 220 4.31 -18.76 -2.12
C ALA A 220 3.98 -20.05 -1.36
N LYS A 221 3.57 -21.09 -2.09
CA LYS A 221 3.20 -22.42 -1.55
C LYS A 221 4.14 -23.00 -0.50
N ASN A 222 5.43 -23.00 -0.85
CA ASN A 222 6.45 -23.57 0.01
C ASN A 222 7.22 -22.54 0.87
N LEU A 223 6.80 -21.28 0.87
CA LEU A 223 7.49 -20.28 1.68
C LEU A 223 7.23 -20.50 3.17
N LYS A 224 8.34 -20.58 3.92
CA LYS A 224 8.35 -20.79 5.36
C LYS A 224 8.87 -19.53 6.07
N ARG A 225 8.18 -19.09 7.12
CA ARG A 225 8.57 -17.90 7.89
C ARG A 225 9.95 -17.95 8.51
N GLU A 226 10.39 -19.14 8.86
CA GLU A 226 11.70 -19.26 9.48
C GLU A 226 12.81 -18.99 8.49
N ASP A 227 12.45 -18.99 7.21
CA ASP A 227 13.42 -18.71 6.15
C ASP A 227 13.58 -17.22 5.89
N PHE A 228 12.93 -16.39 6.70
CA PHE A 228 13.03 -14.94 6.54
C PHE A 228 13.50 -14.29 7.83
N ARG A 229 14.04 -13.07 7.71
CA ARG A 229 14.48 -12.27 8.85
C ARG A 229 14.18 -10.79 8.61
N LEU A 230 13.83 -10.09 9.68
CA LEU A 230 13.59 -8.66 9.66
C LEU A 230 14.90 -7.96 9.97
N LEU A 231 15.13 -6.82 9.33
CA LEU A 231 16.33 -6.05 9.60
C LEU A 231 15.96 -4.87 10.51
N CYS A 232 16.55 -4.82 11.71
CA CYS A 232 16.26 -3.75 12.67
C CYS A 232 17.24 -2.62 12.46
N LEU A 233 16.87 -1.43 12.93
CA LEU A 233 17.70 -0.25 12.76
C LEU A 233 19.01 -0.27 13.59
N ASP A 234 19.11 -1.14 14.58
CA ASP A 234 20.33 -1.23 15.40
C ASP A 234 21.40 -2.19 14.84
N GLY A 235 21.25 -2.60 13.58
CA GLY A 235 22.22 -3.48 12.94
C GLY A 235 21.99 -4.97 13.18
N THR A 236 20.91 -5.28 13.85
CA THR A 236 20.54 -6.64 14.24
C THR A 236 19.53 -7.33 13.26
N ARG A 237 19.33 -8.64 13.42
CA ARG A 237 18.39 -9.42 12.59
C ARG A 237 17.49 -10.23 13.50
N LYS A 238 16.18 -10.13 13.31
CA LYS A 238 15.27 -10.87 14.14
C LYS A 238 14.27 -11.74 13.40
N PRO A 239 13.67 -12.71 14.11
CA PRO A 239 12.64 -13.52 13.46
C PRO A 239 11.47 -12.60 13.11
N VAL A 240 10.63 -13.02 12.19
CA VAL A 240 9.51 -12.20 11.78
C VAL A 240 8.42 -12.15 12.85
N THR A 241 8.61 -12.88 13.94
CA THR A 241 7.68 -12.86 15.06
C THR A 241 7.93 -11.63 15.93
N GLU A 242 9.07 -10.99 15.71
CA GLU A 242 9.52 -9.85 16.53
C GLU A 242 9.39 -8.45 15.92
N ALA A 243 8.41 -8.26 15.04
CA ALA A 243 8.22 -6.96 14.37
C ALA A 243 7.89 -5.75 15.27
N GLN A 244 7.29 -6.00 16.43
CA GLN A 244 6.97 -4.92 17.37
C GLN A 244 8.26 -4.27 17.87
N SER A 245 9.37 -4.99 17.82
CA SER A 245 10.64 -4.42 18.27
C SER A 245 11.67 -4.24 17.15
N CYS A 246 11.30 -4.64 15.95
CA CYS A 246 12.20 -4.58 14.82
C CYS A 246 11.48 -4.12 13.53
N HIS A 247 11.02 -2.87 13.54
CA HIS A 247 10.34 -2.26 12.39
C HIS A 247 11.00 -0.93 12.04
N LEU A 248 10.77 -0.45 10.83
CA LEU A 248 11.33 0.83 10.41
C LEU A 248 10.40 1.98 10.85
N ALA A 249 9.11 1.69 10.97
CA ALA A 249 8.13 2.66 11.41
C ALA A 249 6.74 2.05 11.54
N VAL A 250 5.81 2.78 12.15
CA VAL A 250 4.43 2.33 12.18
C VAL A 250 3.70 3.31 11.27
N ALA A 251 3.02 2.76 10.27
CA ALA A 251 2.36 3.54 9.23
C ALA A 251 0.87 3.82 9.39
N PRO A 252 0.42 5.00 8.94
CA PRO A 252 -1.02 5.27 9.03
C PRO A 252 -1.72 4.35 8.04
N ASN A 253 -2.89 3.83 8.41
CA ASN A 253 -3.58 2.92 7.51
C ASN A 253 -3.97 3.54 6.17
N HIS A 254 -4.18 2.67 5.18
CA HIS A 254 -4.64 3.10 3.88
C HIS A 254 -6.05 3.62 4.13
N ALA A 255 -6.42 4.69 3.43
CA ALA A 255 -7.71 5.31 3.62
C ALA A 255 -8.34 5.79 2.32
N VAL A 256 -9.68 5.85 2.33
CA VAL A 256 -10.43 6.34 1.18
C VAL A 256 -10.38 7.87 1.20
N VAL A 257 -10.11 8.47 0.05
CA VAL A 257 -10.05 9.92 -0.07
C VAL A 257 -11.06 10.36 -1.12
N SER A 258 -11.48 11.62 -1.02
CA SER A 258 -12.40 12.21 -1.98
C SER A 258 -12.23 13.69 -1.89
N ARG A 259 -12.83 14.38 -2.85
CA ARG A 259 -12.83 15.82 -2.83
C ARG A 259 -13.67 16.20 -1.65
N SER A 260 -13.20 17.16 -0.88
CA SER A 260 -13.91 17.60 0.31
C SER A 260 -15.41 17.85 0.11
N ASP A 261 -15.77 18.41 -1.04
CA ASP A 261 -17.17 18.70 -1.31
C ASP A 261 -18.03 17.46 -1.64
N ARG A 262 -17.40 16.30 -1.75
CA ARG A 262 -18.13 15.05 -2.05
C ARG A 262 -18.06 14.03 -0.91
N ALA A 263 -17.26 14.37 0.10
CA ALA A 263 -16.98 13.51 1.26
C ALA A 263 -18.16 12.90 2.03
N ALA A 264 -19.15 13.72 2.40
CA ALA A 264 -20.30 13.25 3.13
C ALA A 264 -21.08 12.22 2.34
N HIS A 265 -21.22 12.45 1.05
CA HIS A 265 -21.94 11.54 0.17
C HIS A 265 -21.21 10.22 -0.06
N VAL A 266 -19.90 10.29 -0.27
CA VAL A 266 -19.08 9.10 -0.48
C VAL A 266 -19.12 8.25 0.79
N GLU A 267 -18.97 8.91 1.94
CA GLU A 267 -19.01 8.22 3.22
C GLU A 267 -20.30 7.44 3.44
N GLN A 268 -21.43 8.10 3.19
CA GLN A 268 -22.74 7.47 3.33
C GLN A 268 -22.88 6.20 2.48
N VAL A 269 -22.52 6.29 1.20
CA VAL A 269 -22.63 5.15 0.30
C VAL A 269 -21.75 3.96 0.69
N LEU A 270 -20.53 4.28 1.09
CA LEU A 270 -19.53 3.27 1.48
C LEU A 270 -19.94 2.44 2.70
N LEU A 271 -20.47 3.11 3.71
CA LEU A 271 -20.94 2.42 4.91
C LEU A 271 -22.05 1.43 4.57
N HIS A 272 -22.91 1.77 3.61
CA HIS A 272 -23.98 0.87 3.17
C HIS A 272 -23.42 -0.23 2.27
N GLN A 273 -22.45 0.10 1.44
CA GLN A 273 -21.83 -0.90 0.57
C GLN A 273 -21.14 -1.99 1.35
N GLN A 274 -20.57 -1.60 2.49
CA GLN A 274 -19.85 -2.54 3.32
C GLN A 274 -20.80 -3.34 4.21
N ALA A 275 -21.94 -2.75 4.53
CA ALA A 275 -22.97 -3.47 5.27
C ALA A 275 -23.38 -4.65 4.38
N LEU A 276 -23.37 -4.41 3.07
CA LEU A 276 -23.70 -5.43 2.07
C LEU A 276 -22.59 -6.40 1.67
N PHE A 277 -21.41 -5.86 1.38
CA PHE A 277 -20.29 -6.68 0.91
C PHE A 277 -19.07 -6.74 1.83
N GLY A 278 -19.21 -6.28 3.08
CA GLY A 278 -18.11 -6.33 4.03
C GLY A 278 -17.89 -7.69 4.65
N LYS A 279 -17.07 -7.75 5.70
CA LYS A 279 -16.71 -9.02 6.33
C LYS A 279 -17.90 -9.95 6.64
N ASN A 280 -18.92 -9.48 7.35
CA ASN A 280 -20.08 -10.34 7.61
C ASN A 280 -21.28 -9.72 6.94
N GLY A 281 -21.02 -9.07 5.80
CA GLY A 281 -22.05 -8.41 5.05
C GLY A 281 -23.08 -9.40 4.54
N LYS A 282 -24.26 -8.87 4.18
CA LYS A 282 -25.40 -9.65 3.73
C LYS A 282 -25.14 -10.49 2.50
N ASN A 283 -24.27 -9.98 1.63
CA ASN A 283 -24.02 -10.62 0.34
C ASN A 283 -22.58 -11.02 0.10
N CYS A 284 -21.71 -10.78 1.05
CA CYS A 284 -20.31 -11.05 0.79
C CYS A 284 -19.93 -12.49 0.48
N PRO A 285 -19.97 -13.38 1.48
CA PRO A 285 -19.52 -14.72 1.09
C PRO A 285 -20.24 -15.25 -0.15
N ASP A 286 -21.53 -14.99 -0.18
CA ASP A 286 -22.47 -15.50 -1.18
C ASP A 286 -22.39 -14.92 -2.60
N LYS A 287 -22.51 -13.60 -2.72
CA LYS A 287 -22.47 -12.97 -4.04
C LYS A 287 -21.19 -12.21 -4.34
N PHE A 288 -20.72 -11.41 -3.40
CA PHE A 288 -19.53 -10.62 -3.66
C PHE A 288 -18.89 -10.07 -2.39
N CYS A 289 -17.58 -10.19 -2.31
CA CYS A 289 -16.84 -9.69 -1.16
C CYS A 289 -15.87 -8.61 -1.59
N LEU A 290 -16.12 -7.42 -1.07
CA LEU A 290 -15.30 -6.24 -1.32
C LEU A 290 -13.85 -6.36 -0.88
N PHE A 291 -13.63 -7.01 0.26
CA PHE A 291 -12.27 -7.12 0.77
C PHE A 291 -11.53 -8.41 0.40
N LYS A 292 -11.98 -9.08 -0.66
CA LYS A 292 -11.32 -10.28 -1.16
C LYS A 292 -10.93 -10.15 -2.63
N SER A 293 -9.81 -10.77 -2.99
CA SER A 293 -9.27 -10.79 -4.35
C SER A 293 -8.04 -11.71 -4.36
N GLU A 294 -8.13 -12.79 -3.61
CA GLU A 294 -7.07 -13.80 -3.51
C GLU A 294 -5.61 -13.28 -3.42
N THR A 295 -5.28 -12.69 -2.26
CA THR A 295 -3.92 -12.22 -1.91
C THR A 295 -3.38 -11.04 -2.74
N LYS A 296 -4.21 -10.56 -3.66
CA LYS A 296 -3.86 -9.50 -4.62
C LYS A 296 -4.05 -8.02 -4.22
N ASN A 297 -4.76 -7.76 -3.12
CA ASN A 297 -5.01 -6.40 -2.60
C ASN A 297 -5.53 -5.39 -3.63
N LEU A 298 -6.60 -5.78 -4.32
CA LEU A 298 -7.24 -4.97 -5.36
C LEU A 298 -8.33 -4.07 -4.73
N LEU A 299 -8.20 -2.76 -4.94
CA LEU A 299 -9.08 -1.72 -4.40
C LEU A 299 -8.86 -1.54 -2.90
N PHE A 300 -8.78 -2.66 -2.17
CA PHE A 300 -8.57 -2.64 -0.72
C PHE A 300 -7.61 -3.77 -0.38
N ASN A 301 -6.94 -3.68 0.76
CA ASN A 301 -6.08 -4.78 1.18
C ASN A 301 -7.01 -5.91 1.56
N ASP A 302 -6.60 -7.14 1.29
CA ASP A 302 -7.44 -8.29 1.62
C ASP A 302 -7.63 -8.54 3.12
N ASN A 303 -6.77 -7.96 3.97
CA ASN A 303 -6.94 -8.16 5.42
C ASN A 303 -7.88 -7.14 6.11
N THR A 304 -8.55 -6.30 5.33
CA THR A 304 -9.45 -5.29 5.88
C THR A 304 -10.72 -5.93 6.50
N GLU A 305 -10.95 -5.65 7.78
CA GLU A 305 -12.14 -6.15 8.48
C GLU A 305 -13.29 -5.24 8.12
N CYS A 306 -13.00 -3.94 8.05
CA CYS A 306 -14.00 -2.92 7.69
C CYS A 306 -13.31 -1.58 7.43
N LEU A 307 -14.09 -0.63 6.91
CA LEU A 307 -13.64 0.75 6.73
C LEU A 307 -14.20 1.47 7.95
N ALA A 308 -13.32 2.15 8.69
CA ALA A 308 -13.67 2.82 9.93
C ALA A 308 -13.84 4.34 9.86
N LYS A 309 -14.78 4.86 10.64
CA LYS A 309 -15.00 6.31 10.71
C LYS A 309 -13.77 6.87 11.36
N LEU A 310 -13.51 8.15 11.13
CA LEU A 310 -12.30 8.74 11.66
C LEU A 310 -12.38 9.47 13.01
N GLY A 311 -13.29 10.43 13.18
CA GLY A 311 -13.37 11.05 14.51
C GLY A 311 -12.23 12.00 14.80
N GLY A 312 -12.64 13.24 15.07
CA GLY A 312 -11.70 14.32 15.26
C GLY A 312 -11.64 14.97 13.91
N ARG A 313 -12.56 14.54 13.04
CA ARG A 313 -12.64 15.00 11.63
C ARG A 313 -11.27 15.50 11.18
N PRO A 314 -10.33 14.57 11.04
CA PRO A 314 -8.99 15.00 10.68
C PRO A 314 -8.71 15.52 9.28
N THR A 315 -7.81 16.49 9.22
CA THR A 315 -7.33 16.95 7.95
C THR A 315 -6.35 15.84 7.59
N TYR A 316 -5.80 15.90 6.39
CA TYR A 316 -4.89 14.89 5.95
C TYR A 316 -3.57 14.92 6.75
N GLU A 317 -3.24 16.09 7.30
CA GLU A 317 -2.03 16.23 8.13
C GLU A 317 -2.24 15.59 9.50
N GLU A 318 -3.39 15.85 10.12
CA GLU A 318 -3.76 15.24 11.40
C GLU A 318 -3.84 13.72 11.17
N TYR A 319 -4.41 13.30 10.04
CA TYR A 319 -4.51 11.87 9.75
C TYR A 319 -3.17 11.16 9.64
N LEU A 320 -2.24 11.74 8.90
CA LEU A 320 -0.93 11.14 8.73
C LEU A 320 -0.04 11.34 9.96
N GLY A 321 -0.19 12.47 10.65
CA GLY A 321 0.61 12.76 11.83
C GLY A 321 1.83 13.61 11.52
N THR A 322 2.30 14.42 12.47
CA THR A 322 3.43 15.33 12.22
C THR A 322 4.75 14.58 11.98
N GLU A 323 4.88 13.39 12.56
CA GLU A 323 6.02 12.51 12.37
C GLU A 323 6.18 12.21 10.89
N TYR A 324 5.17 11.55 10.35
CA TYR A 324 5.18 11.12 8.95
C TYR A 324 5.21 12.27 7.94
N VAL A 325 4.45 13.35 8.19
CA VAL A 325 4.46 14.48 7.26
C VAL A 325 5.84 15.11 7.18
N THR A 326 6.52 15.29 8.31
CA THR A 326 7.87 15.88 8.24
C THR A 326 8.87 14.96 7.56
N ALA A 327 8.70 13.64 7.67
CA ALA A 327 9.59 12.72 6.98
C ALA A 327 9.40 12.81 5.47
N ILE A 328 8.15 12.91 5.02
CA ILE A 328 7.88 13.04 3.59
C ILE A 328 8.39 14.33 3.02
N ALA A 329 8.14 15.43 3.73
CA ALA A 329 8.62 16.74 3.30
C ALA A 329 10.12 16.72 3.16
N ASN A 330 10.79 16.22 4.19
CA ASN A 330 12.25 16.14 4.13
C ASN A 330 12.75 15.31 2.95
N LEU A 331 12.13 14.15 2.67
CA LEU A 331 12.55 13.34 1.52
C LEU A 331 12.21 14.01 0.19
N LYS A 332 11.00 14.55 0.09
CA LYS A 332 10.56 15.23 -1.14
C LYS A 332 11.47 16.39 -1.56
N LYS A 333 12.28 16.91 -0.64
CA LYS A 333 13.19 18.00 -1.00
C LYS A 333 14.44 17.53 -1.78
N CYS A 334 14.54 16.23 -1.99
CA CYS A 334 15.62 15.65 -2.76
C CYS A 334 15.22 15.55 -4.23
N SER A 335 13.92 15.40 -4.46
CA SER A 335 13.40 15.26 -5.82
C SER A 335 12.96 16.60 -6.44
N LEU A 340 8.06 26.07 -2.14
CA LEU A 340 7.87 24.79 -2.81
C LEU A 340 6.60 24.09 -2.30
N GLU A 341 5.58 24.88 -1.93
CA GLU A 341 4.31 24.34 -1.41
C GLU A 341 3.14 24.50 -2.42
N ALA A 342 2.70 23.38 -3.01
CA ALA A 342 1.60 23.39 -3.98
C ALA A 342 1.09 21.99 -4.37
N CYS A 343 -0.01 21.97 -5.13
CA CYS A 343 -0.57 20.73 -5.66
C CYS A 343 0.28 20.36 -6.86
N ALA A 344 0.90 19.18 -6.79
CA ALA A 344 1.79 18.69 -7.83
C ALA A 344 1.23 18.56 -9.26
N PHE A 345 -0.05 18.88 -9.46
CA PHE A 345 -0.66 18.81 -10.78
C PHE A 345 -1.17 20.17 -11.19
C1 NAG B . 15.49 12.37 8.62
C2 NAG B . 14.44 11.64 9.46
C3 NAG B . 13.50 12.67 9.64
C4 NAG B . 14.24 13.75 10.24
C5 NAG B . 15.26 14.43 9.39
C6 NAG B . 15.96 15.71 9.87
C7 NAG B . 13.61 9.44 9.15
C8 NAG B . 13.03 8.41 8.21
N2 NAG B . 13.84 10.64 8.64
O3 NAG B . 12.42 12.33 10.49
O4 NAG B . 13.28 14.57 10.20
O5 NAG B . 16.18 13.43 9.23
O6 NAG B . 16.48 15.52 11.17
O7 NAG B . 13.85 9.15 10.33
C1 NAG B . 12.77 15.59 11.18
C2 NAG B . 12.52 16.97 11.28
C3 NAG B . 12.33 17.43 12.65
C4 NAG B . 11.42 16.48 13.46
C5 NAG B . 11.75 15.00 13.27
C6 NAG B . 10.62 14.10 13.79
C7 NAG B . 13.53 18.24 9.46
C8 NAG B . 14.81 18.61 8.72
N2 NAG B . 13.65 17.64 10.65
O3 NAG B . 11.67 18.66 12.53
O4 NAG B . 11.57 16.78 14.83
O5 NAG B . 11.86 14.72 11.89
O6 NAG B . 9.44 14.26 12.99
O7 NAG B . 12.44 18.50 8.97
C1 NAG C . 2.08 -8.74 11.64
C2 NAG C . 1.62 -8.65 13.08
C3 NAG C . 0.98 -9.85 13.52
C4 NAG C . 0.06 -10.36 12.43
C5 NAG C . 0.66 -10.52 11.06
C6 NAG C . -0.39 -10.80 9.98
C7 NAG C . 2.87 -7.18 14.55
C8 NAG C . 4.06 -6.97 15.47
N2 NAG C . 2.74 -8.36 13.96
O3 NAG C . 0.23 -9.53 14.67
O4 NAG C . -0.13 -11.65 12.80
O5 NAG C . 1.25 -9.35 10.70
O6 NAG C . -1.31 -9.73 9.88
O7 NAG C . 2.07 -6.27 14.37
C1 NAG C . -1.51 -11.91 13.20
C2 NAG C . -1.93 -13.33 13.02
C3 NAG C . -3.40 -13.32 13.38
C4 NAG C . -3.63 -12.63 14.75
C5 NAG C . -2.95 -11.27 14.86
C6 NAG C . -3.00 -10.65 16.24
C7 NAG C . -1.15 -14.82 11.21
C8 NAG C . -1.42 -15.28 9.79
N2 NAG C . -1.75 -13.70 11.61
O3 NAG C . -3.88 -14.64 13.43
O4 NAG C . -5.00 -12.45 14.99
O5 NAG C . -1.59 -11.45 14.51
O6 NAG C . -2.64 -9.27 16.19
O7 NAG C . -0.43 -15.50 11.94
C1 NAG D . -28.73 1.51 -3.90
C2 NAG D . -28.96 0.27 -3.05
C3 NAG D . -30.38 0.27 -2.47
C4 NAG D . -30.70 1.59 -1.77
C5 NAG D . -30.38 2.80 -2.67
C6 NAG D . -30.49 4.09 -1.89
C7 NAG D . -27.64 -1.65 -3.80
C8 NAG D . -27.67 -3.02 -4.47
N2 NAG D . -28.77 -0.93 -3.86
O3 NAG D . -30.51 -0.80 -1.55
O4 NAG D . -32.07 1.62 -1.37
O5 NAG D . -29.03 2.70 -3.18
O6 NAG D . -29.59 4.05 -0.79
O7 NAG D . -26.60 -1.27 -3.27
FE FE E . 0.74 0.72 1.88
C CO3 F . 3.18 0.90 1.15
O1 CO3 F . 2.03 0.77 0.58
O2 CO3 F . 3.25 1.28 2.38
O3 CO3 F . 4.25 0.64 0.50
ZN ZN G . -9.00 17.87 14.10
ZN ZN H . 8.47 2.07 16.30
S SO4 I . 20.84 -15.06 11.44
O1 SO4 I . 20.86 -16.33 12.17
O2 SO4 I . 21.49 -14.02 12.24
O3 SO4 I . 21.56 -15.22 10.17
O4 SO4 I . 19.45 -14.67 11.18
N NIO J . 0.30 10.63 16.21
C1 NIO J . -0.38 11.69 15.74
C2 NIO J . 0.33 12.86 15.31
C3 NIO J . 1.76 12.86 15.41
C4 NIO J . 2.41 11.72 15.91
C5 NIO J . 1.64 10.61 16.30
C6 NIO J . -0.43 14.05 14.78
O1 NIO J . 0.18 15.05 14.42
O2 NIO J . -1.78 14.03 14.69
#